data_9HZ5
#
_entry.id   9HZ5
#
_cell.length_a   1.00
_cell.length_b   1.00
_cell.length_c   1.00
_cell.angle_alpha   90.00
_cell.angle_beta   90.00
_cell.angle_gamma   90.00
#
_symmetry.space_group_name_H-M   'P 1'
#
loop_
_entity.id
_entity.type
_entity.pdbx_description
1 polymer 'Protein transport protein Sec61 subunit alpha'
2 polymer 'Protein transport protein Sec61 subunit gamma'
3 polymer 'Protein transport protein Sec61 subunit beta'
4 non-polymer 4-{(3S)-9-(cyclohexylmethyl)-5-[(3R,5R)-4-(3-fluoro-5-methoxyphenyl)-3,5-dimethylpiperazine-1-sulfonyl]-3-methyl-1,5,9-triazacyclododecane-1-sulfonyl}-N,N-dimethylaniline
#
loop_
_entity_poly.entity_id
_entity_poly.type
_entity_poly.pdbx_seq_one_letter_code
_entity_poly.pdbx_strand_id
1 'polypeptide(L)'
;EIQKPERKIQFKEKVLWTAITLFIFLVCCQIPLFGIMSSDSADPFYWMRVILASNRGTLMELGISPIVTSGLIMQLLAGA
KKDRALFNGAQKLFGMIITIGQSIVYVMTMGAGICLLITIQLFVAGLIVLLLDELLQKGYGISLFIATNICETIVWKAFS
PTTVNTGRGMEFEGAIIALFHLLATRTDKVRALREAFYRQNLPNLMNLIATIFVFAVVIYFQGFRVDLPIKSARYRGQYN
TYPIKLFYTSNIPIILQSALVSNLYVISQMLSARFSGNLLVSLLGTWLCYYLSPPESFGSVLEDPVHAVVYIVFMLGSCA
FFSKTWIEVSGSSAKDVAKQLKEQQMVMRGHRETSMVHELNRYIPTAAAFGGLCIGALSVLADFLGAIGSGTGILLAVTI
IYQYFEIFVKEQ
;
B
2 'polypeptide(L)' AAFVEPSRQFVKDSIRLVKRCTKPDRKEFQKIAMATAIGFAIMGFIGFFVKLIHIPINN A
3 'polypeptide(L)' VPVLVMSLLFIASVFMLHIW C
#
# COMPACT_ATOMS: atom_id res chain seq x y z
N GLU A 1 -8.70 -3.03 27.24
CA GLU A 1 -7.51 -3.76 26.82
C GLU A 1 -7.79 -5.26 26.75
N ILE A 2 -6.93 -5.99 26.04
CA ILE A 2 -7.05 -7.44 25.89
C ILE A 2 -5.78 -8.07 26.42
N GLN A 3 -5.94 -9.17 27.16
CA GLN A 3 -4.79 -9.95 27.61
C GLN A 3 -4.20 -10.70 26.43
N LYS A 4 -2.88 -10.65 26.30
CA LYS A 4 -2.20 -11.41 25.25
C LYS A 4 -2.44 -12.90 25.50
N PRO A 5 -2.74 -13.67 24.46
CA PRO A 5 -3.21 -15.06 24.68
C PRO A 5 -2.22 -15.88 25.49
N GLU A 6 -2.74 -16.59 26.48
CA GLU A 6 -1.90 -17.37 27.37
C GLU A 6 -1.20 -18.52 26.64
N ARG A 7 -1.71 -18.92 25.48
CA ARG A 7 -1.08 -19.93 24.66
C ARG A 7 -1.06 -19.47 23.21
N LYS A 8 -0.12 -20.01 22.44
CA LYS A 8 -0.03 -19.67 21.03
C LYS A 8 -1.24 -20.18 20.27
N ILE A 9 -1.75 -19.36 19.36
CA ILE A 9 -2.93 -19.71 18.57
C ILE A 9 -2.52 -20.66 17.47
N GLN A 10 -3.32 -21.70 17.25
CA GLN A 10 -3.05 -22.66 16.20
C GLN A 10 -3.15 -22.00 14.83
N PHE A 11 -2.40 -22.54 13.87
CA PHE A 11 -2.35 -21.94 12.55
C PHE A 11 -3.71 -21.91 11.88
N LYS A 12 -4.47 -23.02 11.99
CA LYS A 12 -5.81 -23.03 11.43
C LYS A 12 -6.70 -21.99 12.10
N GLU A 13 -6.61 -21.88 13.43
CA GLU A 13 -7.33 -20.83 14.13
C GLU A 13 -6.80 -19.46 13.76
N LYS A 14 -5.48 -19.34 13.54
CA LYS A 14 -4.91 -18.05 13.16
C LYS A 14 -5.43 -17.60 11.81
N VAL A 15 -5.44 -18.48 10.81
CA VAL A 15 -5.93 -18.10 9.49
C VAL A 15 -7.44 -17.90 9.53
N LEU A 16 -8.16 -18.65 10.36
CA LEU A 16 -9.59 -18.44 10.51
C LEU A 16 -9.87 -17.05 11.06
N TRP A 17 -9.12 -16.64 12.09
CA TRP A 17 -9.27 -15.29 12.64
C TRP A 17 -8.85 -14.23 11.64
N THR A 18 -7.84 -14.51 10.83
CA THR A 18 -7.44 -13.56 9.80
C THR A 18 -8.56 -13.35 8.79
N ALA A 19 -9.20 -14.44 8.35
CA ALA A 19 -10.36 -14.31 7.49
C ALA A 19 -11.50 -13.58 8.19
N ILE A 20 -11.64 -13.80 9.50
CA ILE A 20 -12.70 -13.13 10.25
C ILE A 20 -12.49 -11.62 10.23
N THR A 21 -11.28 -11.16 10.57
CA THR A 21 -11.04 -9.72 10.57
C THR A 21 -11.09 -9.14 9.16
N LEU A 22 -10.70 -9.95 8.16
CA LEU A 22 -10.90 -9.53 6.77
C LEU A 22 -12.37 -9.30 6.49
N PHE A 23 -13.24 -10.18 6.98
CA PHE A 23 -14.68 -10.01 6.80
C PHE A 23 -15.17 -8.75 7.51
N ILE A 24 -14.70 -8.50 8.74
CA ILE A 24 -15.14 -7.31 9.46
C ILE A 24 -14.74 -6.05 8.70
N PHE A 25 -13.52 -6.00 8.17
CA PHE A 25 -13.12 -4.85 7.38
C PHE A 25 -14.00 -4.72 6.13
N LEU A 26 -14.11 -5.80 5.36
CA LEU A 26 -14.85 -5.74 4.11
C LEU A 26 -16.33 -5.48 4.31
N VAL A 27 -16.85 -5.64 5.53
CA VAL A 27 -18.24 -5.33 5.79
C VAL A 27 -18.41 -3.84 6.05
N CYS A 28 -17.61 -3.27 6.96
CA CYS A 28 -17.71 -1.85 7.26
C CYS A 28 -17.24 -0.98 6.10
N CYS A 29 -16.60 -1.57 5.09
CA CYS A 29 -16.22 -0.85 3.88
C CYS A 29 -17.42 -0.41 3.06
N GLN A 30 -18.58 -1.03 3.24
CA GLN A 30 -19.76 -0.77 2.42
C GLN A 30 -20.98 -0.43 3.27
N ILE A 31 -20.78 0.30 4.37
CA ILE A 31 -21.90 0.79 5.17
C ILE A 31 -21.88 2.31 5.17
N PRO A 32 -22.78 2.96 4.44
CA PRO A 32 -22.81 4.43 4.46
C PRO A 32 -23.21 4.95 5.84
N LEU A 33 -22.65 6.11 6.19
CA LEU A 33 -22.91 6.69 7.50
C LEU A 33 -24.33 7.24 7.58
N PHE A 34 -24.90 7.15 8.78
CA PHE A 34 -26.23 7.71 9.00
C PHE A 34 -26.19 9.23 8.89
N GLY A 35 -27.33 9.81 8.54
CA GLY A 35 -27.38 11.24 8.31
C GLY A 35 -26.80 11.62 6.97
N ILE A 36 -27.45 11.19 5.89
CA ILE A 36 -26.94 11.40 4.55
C ILE A 36 -26.75 12.89 4.31
N MET A 37 -25.50 13.31 4.13
CA MET A 37 -25.17 14.70 3.83
C MET A 37 -25.30 15.02 2.35
N SER A 38 -25.21 14.02 1.47
CA SER A 38 -25.19 14.21 0.03
C SER A 38 -24.02 15.11 -0.37
N SER A 39 -22.82 14.66 0.00
CA SER A 39 -21.58 15.39 -0.27
C SER A 39 -20.85 14.85 -1.48
N ASP A 40 -21.58 14.45 -2.52
CA ASP A 40 -20.96 13.90 -3.73
C ASP A 40 -20.30 15.01 -4.54
N SER A 41 -19.24 15.60 -4.00
CA SER A 41 -18.52 16.69 -4.65
C SER A 41 -17.05 16.34 -4.76
N ALA A 42 -16.21 17.32 -5.10
CA ALA A 42 -14.78 17.08 -5.24
C ALA A 42 -14.16 16.84 -3.87
N ASP A 43 -14.04 15.58 -3.47
CA ASP A 43 -13.52 15.25 -2.16
C ASP A 43 -12.02 15.54 -2.10
N PRO A 44 -11.55 16.34 -1.14
CA PRO A 44 -10.11 16.59 -1.04
C PRO A 44 -9.29 15.33 -0.78
N PHE A 45 -9.85 14.37 -0.05
CA PHE A 45 -9.11 13.17 0.33
C PHE A 45 -9.25 12.07 -0.72
N TYR A 46 -8.94 12.41 -1.98
CA TYR A 46 -8.98 11.42 -3.05
C TYR A 46 -7.67 10.65 -3.13
N TRP A 47 -6.54 11.36 -3.06
CA TRP A 47 -5.25 10.71 -3.19
C TRP A 47 -4.85 9.94 -1.94
N MET A 48 -5.52 10.19 -0.81
CA MET A 48 -5.30 9.38 0.37
C MET A 48 -5.97 8.02 0.28
N ARG A 49 -6.99 7.88 -0.57
CA ARG A 49 -7.76 6.64 -0.61
C ARG A 49 -6.90 5.46 -1.07
N VAL A 50 -5.96 5.72 -1.99
CA VAL A 50 -5.14 4.63 -2.52
C VAL A 50 -4.15 4.14 -1.46
N ILE A 51 -3.56 5.06 -0.70
CA ILE A 51 -2.54 4.68 0.28
C ILE A 51 -3.16 4.38 1.63
N LEU A 52 -4.14 5.18 2.06
CA LEU A 52 -4.82 4.92 3.31
C LEU A 52 -5.91 3.91 3.07
N ALA A 53 -6.09 2.99 4.02
CA ALA A 53 -7.09 1.92 3.87
C ALA A 53 -8.49 2.46 4.13
N SER A 54 -8.88 3.42 3.28
CA SER A 54 -10.12 4.16 3.47
C SER A 54 -10.88 4.26 2.16
N ASN A 55 -12.19 4.48 2.28
CA ASN A 55 -13.08 4.68 1.15
C ASN A 55 -14.09 5.76 1.49
N ARG A 56 -14.41 6.60 0.52
CA ARG A 56 -15.29 7.74 0.73
C ARG A 56 -16.72 7.30 0.97
N GLY A 57 -17.42 8.04 1.83
CA GLY A 57 -18.85 7.84 2.04
C GLY A 57 -19.23 6.53 2.71
N THR A 58 -18.49 6.12 3.74
CA THR A 58 -18.80 4.91 4.47
C THR A 58 -18.17 5.01 5.86
N LEU A 59 -18.40 3.98 6.69
CA LEU A 59 -17.89 3.98 8.05
C LEU A 59 -16.37 4.04 8.12
N MET A 60 -15.69 3.68 7.03
CA MET A 60 -14.22 3.65 6.99
C MET A 60 -13.66 4.88 6.29
N GLU A 61 -14.28 6.04 6.51
CA GLU A 61 -13.81 7.27 5.86
C GLU A 61 -12.38 7.59 6.25
N LEU A 62 -12.05 7.49 7.54
CA LEU A 62 -10.67 7.71 7.97
C LEU A 62 -9.76 6.57 7.54
N GLY A 63 -10.19 5.33 7.76
CA GLY A 63 -9.45 4.18 7.30
C GLY A 63 -8.26 3.80 8.17
N ILE A 64 -7.06 3.92 7.60
CA ILE A 64 -5.84 3.49 8.29
C ILE A 64 -5.31 4.53 9.27
N SER A 65 -5.91 5.72 9.31
CA SER A 65 -5.42 6.79 10.18
C SER A 65 -5.29 6.39 11.65
N PRO A 66 -6.23 5.67 12.28
CA PRO A 66 -6.07 5.38 13.72
C PRO A 66 -4.77 4.66 14.06
N ILE A 67 -4.31 3.73 13.22
CA ILE A 67 -3.13 2.94 13.54
C ILE A 67 -1.86 3.51 12.94
N VAL A 68 -1.96 4.46 12.01
CA VAL A 68 -0.79 5.07 11.41
C VAL A 68 -0.30 6.25 12.25
N THR A 69 -1.20 7.13 12.64
CA THR A 69 -0.81 8.31 13.42
C THR A 69 -0.26 7.89 14.78
N SER A 70 -0.98 7.03 15.51
CA SER A 70 -0.53 6.61 16.82
C SER A 70 0.79 5.86 16.73
N GLY A 71 1.01 5.11 15.65
CA GLY A 71 2.26 4.40 15.47
C GLY A 71 3.43 5.31 15.13
N LEU A 72 3.16 6.48 14.55
CA LEU A 72 4.23 7.37 14.13
C LEU A 72 4.55 8.44 15.16
N ILE A 73 3.53 9.06 15.77
CA ILE A 73 3.79 9.91 16.93
C ILE A 73 4.26 9.08 18.12
N MET A 74 4.20 7.75 17.98
CA MET A 74 4.84 6.86 18.94
C MET A 74 6.31 7.19 19.10
N GLN A 75 7.03 7.26 17.97
CA GLN A 75 8.44 7.65 18.01
C GLN A 75 8.62 9.13 18.28
N LEU A 76 7.68 9.96 17.79
CA LEU A 76 7.79 11.40 17.99
C LEU A 76 7.71 11.77 19.47
N LEU A 77 6.69 11.26 20.17
CA LEU A 77 6.51 11.61 21.57
C LEU A 77 7.62 11.03 22.44
N ALA A 78 8.14 9.86 22.07
CA ALA A 78 9.26 9.28 22.82
C ALA A 78 10.49 10.17 22.73
N GLY A 79 10.79 10.69 21.54
CA GLY A 79 11.94 11.57 21.38
C GLY A 79 11.77 12.89 22.12
N ALA A 80 10.57 13.49 22.05
CA ALA A 80 10.31 14.75 22.70
C ALA A 80 10.01 14.60 24.19
N LYS A 81 9.72 13.38 24.66
CA LYS A 81 9.43 13.12 26.07
C LYS A 81 8.29 13.99 26.60
N LYS A 82 6.55 -1.71 33.38
CA LYS A 82 5.20 -1.19 33.57
C LYS A 82 4.95 0.03 32.69
N ASP A 83 6.03 0.65 32.21
CA ASP A 83 5.90 1.83 31.37
C ASP A 83 5.23 1.49 30.04
N ARG A 84 5.46 0.28 29.52
CA ARG A 84 4.92 -0.08 28.22
C ARG A 84 3.38 -0.09 28.22
N ALA A 85 2.78 -0.61 29.29
CA ALA A 85 1.32 -0.61 29.37
C ALA A 85 0.79 0.81 29.42
N LEU A 86 1.39 1.67 30.22
CA LEU A 86 1.04 3.09 30.20
C LEU A 86 1.38 3.70 28.85
N PHE A 87 2.49 3.26 28.24
CA PHE A 87 2.85 3.70 26.90
C PHE A 87 1.78 3.34 25.89
N ASN A 88 1.28 2.10 25.95
CA ASN A 88 0.23 1.67 25.03
C ASN A 88 -1.06 2.44 25.28
N GLY A 89 -1.41 2.66 26.55
CA GLY A 89 -2.62 3.43 26.85
C GLY A 89 -2.55 4.86 26.35
N ALA A 90 -1.40 5.51 26.54
CA ALA A 90 -1.23 6.87 26.04
C ALA A 90 -1.27 6.90 24.51
N GLN A 91 -0.68 5.88 23.87
CA GLN A 91 -0.75 5.80 22.42
C GLN A 91 -2.18 5.66 21.95
N LYS A 92 -2.98 4.83 22.63
CA LYS A 92 -4.38 4.67 22.27
C LYS A 92 -5.15 5.97 22.44
N LEU A 93 -4.92 6.67 23.56
CA LEU A 93 -5.62 7.94 23.79
C LEU A 93 -5.25 8.97 22.73
N PHE A 94 -3.96 9.06 22.39
CA PHE A 94 -3.54 10.01 21.37
C PHE A 94 -4.10 9.63 20.00
N GLY A 95 -4.17 8.34 19.69
CA GLY A 95 -4.80 7.92 18.45
C GLY A 95 -6.27 8.31 18.41
N MET A 96 -6.98 8.15 19.54
CA MET A 96 -8.38 8.53 19.60
C MET A 96 -8.55 10.03 19.36
N ILE A 97 -7.73 10.85 20.03
CA ILE A 97 -7.87 12.30 19.88
C ILE A 97 -7.50 12.73 18.47
N ILE A 98 -6.50 12.07 17.87
CA ILE A 98 -6.11 12.41 16.51
C ILE A 98 -7.21 12.03 15.53
N THR A 99 -7.86 10.89 15.74
CA THR A 99 -8.98 10.51 14.89
C THR A 99 -10.12 11.49 15.02
N ILE A 100 -10.40 11.95 16.25
CA ILE A 100 -11.46 12.95 16.44
C ILE A 100 -11.12 14.23 15.68
N GLY A 101 -9.87 14.70 15.80
CA GLY A 101 -9.48 15.90 15.09
C GLY A 101 -9.56 15.76 13.59
N GLN A 102 -9.08 14.64 13.07
CA GLN A 102 -9.13 14.41 11.62
C GLN A 102 -10.57 14.35 11.14
N SER A 103 -11.45 13.67 11.88
CA SER A 103 -12.84 13.58 11.48
C SER A 103 -13.51 14.95 11.50
N ILE A 104 -13.26 15.75 12.53
CA ILE A 104 -13.93 17.04 12.61
C ILE A 104 -13.41 17.99 11.53
N VAL A 105 -12.11 17.94 11.23
CA VAL A 105 -11.61 18.82 10.17
C VAL A 105 -12.08 18.34 8.80
N TYR A 106 -12.25 17.02 8.63
CA TYR A 106 -12.80 16.52 7.37
C TYR A 106 -14.25 16.95 7.19
N VAL A 107 -15.04 16.88 8.26
CA VAL A 107 -16.43 17.31 8.18
C VAL A 107 -16.52 18.81 7.93
N MET A 108 -15.66 19.59 8.59
CA MET A 108 -15.67 21.03 8.39
C MET A 108 -15.37 21.41 6.95
N THR A 109 -14.37 20.76 6.34
CA THR A 109 -14.02 21.03 4.96
C THR A 109 -14.25 19.81 4.08
N MET A 110 -26.44 21.28 8.23
CA MET A 110 -26.51 20.01 8.94
C MET A 110 -26.70 20.22 10.44
N GLY A 111 -25.80 20.99 11.03
CA GLY A 111 -25.87 21.28 12.44
C GLY A 111 -24.89 20.42 13.25
N ALA A 112 -24.44 20.96 14.37
CA ALA A 112 -23.49 20.25 15.22
C ALA A 112 -24.10 19.00 15.84
N GLY A 113 -25.41 19.00 16.07
CA GLY A 113 -26.06 17.82 16.62
C GLY A 113 -25.97 16.63 15.68
N ILE A 114 -26.15 16.85 14.39
CA ILE A 114 -26.04 15.77 13.43
C ILE A 114 -24.58 15.55 13.02
N CYS A 115 -23.78 16.62 12.99
CA CYS A 115 -22.35 16.47 12.68
C CYS A 115 -21.65 15.63 13.73
N LEU A 116 -22.02 15.82 15.01
CA LEU A 116 -21.45 14.99 16.07
C LEU A 116 -21.82 13.53 15.89
N LEU A 117 -23.00 13.25 15.32
CA LEU A 117 -23.40 11.87 15.06
C LEU A 117 -22.40 11.19 14.12
N ILE A 118 -22.02 11.87 13.05
CA ILE A 118 -20.96 11.37 12.18
C ILE A 118 -19.64 11.32 12.93
N THR A 119 -19.38 12.33 13.77
CA THR A 119 -18.14 12.35 14.54
C THR A 119 -18.06 11.18 15.51
N ILE A 120 -19.14 10.91 16.24
CA ILE A 120 -19.11 9.79 17.18
C ILE A 120 -19.10 8.46 16.42
N GLN A 121 -19.75 8.39 15.26
CA GLN A 121 -19.69 7.20 14.44
C GLN A 121 -18.25 6.90 14.04
N LEU A 122 -17.53 7.92 13.58
CA LEU A 122 -16.12 7.75 13.23
C LEU A 122 -15.26 7.46 14.45
N PHE A 123 -15.64 8.01 15.61
CA PHE A 123 -14.92 7.69 16.84
C PHE A 123 -15.02 6.21 17.17
N VAL A 124 -16.23 5.65 17.09
CA VAL A 124 -16.41 4.23 17.32
C VAL A 124 -15.66 3.42 16.27
N ALA A 125 -15.73 3.84 15.01
CA ALA A 125 -15.04 3.12 13.94
C ALA A 125 -13.53 3.09 14.19
N GLY A 126 -12.96 4.23 14.58
CA GLY A 126 -11.54 4.26 14.87
C GLY A 126 -11.17 3.44 16.09
N LEU A 127 -12.04 3.42 17.10
CA LEU A 127 -11.78 2.59 18.27
C LEU A 127 -11.73 1.12 17.91
N ILE A 128 -12.69 0.66 17.10
CA ILE A 128 -12.67 -0.74 16.66
C ILE A 128 -11.48 -1.00 15.75
N VAL A 129 -11.09 -0.03 14.91
CA VAL A 129 -9.94 -0.23 14.04
C VAL A 129 -8.68 -0.42 14.88
N LEU A 130 -8.50 0.42 15.90
CA LEU A 130 -7.36 0.27 16.81
C LEU A 130 -7.44 -1.07 17.54
N LEU A 131 -8.64 -1.51 17.89
CA LEU A 131 -8.81 -2.82 18.51
C LEU A 131 -8.28 -3.92 17.59
N LEU A 132 -8.89 -4.07 16.41
CA LEU A 132 -8.46 -5.09 15.47
C LEU A 132 -6.96 -5.00 15.18
N ASP A 133 -6.40 -3.78 15.16
CA ASP A 133 -4.96 -3.64 15.05
C ASP A 133 -4.27 -4.29 16.24
N GLU A 134 -4.83 -4.12 17.44
CA GLU A 134 -4.23 -4.73 18.63
C GLU A 134 -4.28 -6.25 18.56
N LEU A 135 -5.35 -6.83 18.00
CA LEU A 135 -5.35 -8.28 17.81
C LEU A 135 -4.23 -8.72 16.86
N LEU A 136 -4.03 -8.00 15.75
CA LEU A 136 -2.95 -8.39 14.85
C LEU A 136 -1.58 -8.17 15.48
N GLN A 137 -1.42 -7.11 16.28
CA GLN A 137 -0.17 -6.91 16.99
C GLN A 137 0.06 -8.02 18.01
N LYS A 138 -0.98 -8.44 18.71
CA LYS A 138 -0.86 -9.47 19.73
C LYS A 138 -0.81 -10.88 19.17
N GLY A 139 -1.08 -11.05 17.88
CA GLY A 139 -1.01 -12.35 17.25
C GLY A 139 -2.34 -13.09 17.12
N TYR A 140 -3.46 -12.43 17.39
CA TYR A 140 -4.76 -13.08 17.26
C TYR A 140 -5.05 -13.42 15.80
N GLY A 141 -1.42 -4.82 10.79
CA GLY A 141 -2.40 -3.78 10.63
C GLY A 141 -2.36 -3.13 9.26
N ILE A 142 -1.17 -2.61 8.90
CA ILE A 142 -0.99 -2.01 7.59
C ILE A 142 -1.20 -3.04 6.49
N SER A 143 -0.64 -4.24 6.69
CA SER A 143 -0.52 -5.21 5.61
C SER A 143 -1.88 -5.63 5.07
N LEU A 144 -2.68 -6.29 5.89
CA LEU A 144 -3.93 -6.85 5.40
C LEU A 144 -4.88 -5.76 4.95
N PHE A 145 -4.93 -4.64 5.69
CA PHE A 145 -5.84 -3.56 5.35
C PHE A 145 -5.51 -2.97 3.97
N ILE A 146 -4.26 -2.58 3.75
CA ILE A 146 -3.89 -1.95 2.49
C ILE A 146 -3.98 -2.94 1.35
N ALA A 147 -3.53 -4.19 1.56
CA ALA A 147 -3.63 -5.20 0.53
C ALA A 147 -5.07 -5.45 0.14
N THR A 148 -5.97 -5.53 1.12
CA THR A 148 -7.37 -5.76 0.84
C THR A 148 -7.96 -4.60 0.05
N ASN A 149 -7.67 -3.36 0.45
CA ASN A 149 -8.21 -2.22 -0.28
C ASN A 149 -7.75 -2.22 -1.73
N ILE A 150 -6.45 -2.41 -1.95
CA ILE A 150 -5.92 -2.32 -3.31
C ILE A 150 -6.40 -3.50 -4.16
N CYS A 151 -6.41 -4.70 -3.58
CA CYS A 151 -6.89 -5.87 -4.31
C CYS A 151 -8.37 -5.75 -4.65
N GLU A 152 -9.16 -5.21 -3.73
CA GLU A 152 -10.57 -4.97 -4.00
C GLU A 152 -10.75 -3.96 -5.13
N THR A 153 -9.96 -2.89 -5.12
CA THR A 153 -10.02 -1.93 -6.21
C THR A 153 -9.66 -2.59 -7.54
N ILE A 154 -8.65 -3.46 -7.54
CA ILE A 154 -8.22 -4.12 -8.76
C ILE A 154 -9.32 -5.02 -9.30
N VAL A 155 -9.89 -5.86 -8.44
CA VAL A 155 -10.88 -6.83 -8.92
C VAL A 155 -12.18 -6.12 -9.31
N TRP A 156 -12.59 -5.12 -8.54
CA TRP A 156 -13.77 -4.33 -8.90
C TRP A 156 -13.57 -3.63 -10.23
N LYS A 157 -12.36 -3.13 -10.48
CA LYS A 157 -12.07 -2.51 -11.77
C LYS A 157 -12.11 -3.51 -12.91
N ALA A 158 -12.08 -4.81 -12.62
CA ALA A 158 -12.21 -5.85 -13.63
C ALA A 158 -13.56 -6.53 -13.58
N PHE A 159 -13.94 -7.10 -12.45
CA PHE A 159 -15.20 -7.85 -12.33
C PHE A 159 -16.18 -7.04 -11.50
N SER A 160 -17.09 -6.33 -12.18
CA SER A 160 -18.11 -5.54 -11.54
C SER A 160 -19.31 -5.45 -12.47
N PRO A 161 -20.48 -5.95 -12.05
CA PRO A 161 -21.66 -5.93 -12.92
C PRO A 161 -22.44 -4.64 -12.92
N THR A 162 -21.88 -3.54 -12.42
CA THR A 162 -22.60 -2.28 -12.33
C THR A 162 -23.01 -1.78 -13.72
N THR A 163 -24.17 -1.15 -13.78
CA THR A 163 -24.70 -0.62 -15.04
C THR A 163 -24.35 0.86 -15.15
N VAL A 164 -23.42 1.18 -16.05
CA VAL A 164 -22.89 2.54 -16.18
C VAL A 164 -22.48 2.81 -17.62
N ASN A 165 -22.88 3.96 -18.16
CA ASN A 165 -23.95 4.81 -17.65
C ASN A 165 -25.04 5.03 -18.70
N THR A 166 -24.60 5.52 -19.87
CA THR A 166 -25.49 5.94 -20.94
C THR A 166 -24.67 6.22 -22.19
N GLY A 167 -25.18 5.79 -23.34
CA GLY A 167 -24.52 5.99 -24.61
C GLY A 167 -24.20 4.67 -25.29
N ARG A 168 -23.39 4.79 -26.35
CA ARG A 168 -22.98 3.62 -27.11
C ARG A 168 -22.08 2.72 -26.27
N GLY A 169 -22.62 1.60 -25.80
CA GLY A 169 -21.91 0.71 -24.91
C GLY A 169 -22.82 0.11 -23.85
N MET A 170 -24.02 0.66 -23.75
CA MET A 170 -25.06 0.17 -22.85
C MET A 170 -24.60 0.12 -21.40
N GLU A 171 -24.18 -1.06 -20.93
CA GLU A 171 -23.92 -1.28 -19.51
C GLU A 171 -22.90 -2.38 -19.28
N PHE A 172 -22.87 -2.92 -18.06
CA PHE A 172 -21.95 -3.96 -17.62
C PHE A 172 -20.51 -3.66 -18.03
N GLU A 173 -19.97 -2.59 -17.45
CA GLU A 173 -18.59 -2.16 -17.71
C GLU A 173 -17.65 -2.92 -16.77
N GLY A 174 -17.23 -4.10 -17.22
CA GLY A 174 -16.33 -4.94 -16.44
C GLY A 174 -14.97 -5.21 -17.05
N ALA A 175 -14.82 -6.41 -17.59
CA ALA A 175 -13.56 -6.99 -18.07
C ALA A 175 -13.91 -7.88 -19.25
N ILE A 176 -13.04 -8.84 -19.56
CA ILE A 176 -13.28 -9.82 -20.62
C ILE A 176 -14.71 -10.37 -20.54
N ILE A 177 -15.26 -10.42 -19.32
CA ILE A 177 -16.69 -10.69 -19.14
C ILE A 177 -17.51 -9.66 -19.92
N ALA A 178 -17.21 -8.38 -19.72
CA ALA A 178 -17.92 -7.32 -20.44
C ALA A 178 -17.66 -7.41 -21.93
N LEU A 179 -16.43 -7.76 -22.31
CA LEU A 179 -16.07 -7.84 -23.72
C LEU A 179 -16.92 -8.89 -24.44
N PHE A 180 -16.97 -10.10 -23.90
CA PHE A 180 -17.72 -11.16 -24.57
C PHE A 180 -19.22 -11.02 -24.38
N HIS A 181 -19.68 -10.28 -23.36
CA HIS A 181 -21.09 -9.97 -23.29
C HIS A 181 -21.49 -8.88 -24.29
N LEU A 182 -20.61 -7.91 -24.53
CA LEU A 182 -20.89 -6.84 -25.46
C LEU A 182 -20.75 -7.26 -26.91
N LEU A 183 -19.87 -8.23 -27.19
CA LEU A 183 -19.65 -8.66 -28.56
C LEU A 183 -20.81 -9.54 -29.05
N ALA A 184 -22.02 -8.99 -29.02
CA ALA A 184 -23.20 -9.70 -29.48
C ALA A 184 -24.11 -8.88 -30.37
N THR A 185 -24.02 -7.55 -30.35
CA THR A 185 -24.90 -6.73 -31.18
C THR A 185 -24.63 -6.94 -32.66
N ARG A 186 -23.36 -7.04 -33.05
CA ARG A 186 -22.97 -7.30 -34.43
C ARG A 186 -21.81 -8.29 -34.45
N THR A 187 -21.93 -9.32 -35.28
CA THR A 187 -20.92 -10.36 -35.32
C THR A 187 -19.62 -9.85 -35.94
N ASP A 188 -18.51 -10.47 -35.54
CA ASP A 188 -17.18 -10.14 -36.05
C ASP A 188 -16.87 -8.66 -35.89
N LYS A 189 -17.21 -8.11 -34.72
CA LYS A 189 -17.04 -6.68 -34.47
C LYS A 189 -15.62 -6.43 -33.97
N VAL A 190 -14.68 -6.39 -34.92
CA VAL A 190 -13.30 -6.03 -34.62
C VAL A 190 -13.24 -4.63 -34.05
N ARG A 191 -14.06 -3.72 -34.56
CA ARG A 191 -14.10 -2.36 -34.04
C ARG A 191 -14.52 -2.35 -32.59
N ALA A 192 -15.56 -3.12 -32.23
CA ALA A 192 -16.02 -3.14 -30.85
C ALA A 192 -14.99 -3.78 -29.93
N LEU A 193 -14.34 -4.86 -30.36
CA LEU A 193 -13.34 -5.46 -29.49
C LEU A 193 -12.14 -4.53 -29.31
N ARG A 194 -11.74 -3.82 -30.37
CA ARG A 194 -10.68 -2.84 -30.24
C ARG A 194 -11.07 -1.72 -29.30
N GLU A 195 -12.33 -1.25 -29.37
CA GLU A 195 -12.79 -0.23 -28.46
C GLU A 195 -12.77 -0.72 -27.02
N ALA A 196 -13.21 -1.96 -26.80
CA ALA A 196 -13.19 -2.53 -25.45
C ALA A 196 -11.77 -2.64 -24.93
N PHE A 197 -10.83 -3.00 -25.78
CA PHE A 197 -9.43 -3.07 -25.38
C PHE A 197 -8.79 -1.69 -25.24
N TYR A 198 -9.39 -0.66 -25.82
CA TYR A 198 -8.77 0.67 -25.84
C TYR A 198 -9.82 1.75 -25.56
N ARG A 199 -10.66 1.53 -24.55
CA ARG A 199 -11.63 2.53 -24.12
C ARG A 199 -11.08 3.33 -22.94
N GLN A 200 -11.52 4.57 -22.85
CA GLN A 200 -11.04 5.50 -21.83
C GLN A 200 -12.12 6.00 -20.89
N ASN A 201 -13.37 6.12 -21.36
CA ASN A 201 -14.44 6.60 -20.50
C ASN A 201 -14.67 5.67 -19.32
N LEU A 202 -14.62 4.37 -19.56
CA LEU A 202 -14.78 3.34 -18.55
C LEU A 202 -13.48 2.60 -18.31
N PRO A 203 -13.33 1.94 -17.17
CA PRO A 203 -12.13 1.15 -16.91
C PRO A 203 -11.80 0.22 -18.07
N ASN A 204 -10.55 0.30 -18.54
CA ASN A 204 -10.15 -0.38 -19.75
C ASN A 204 -10.06 -1.89 -19.52
N LEU A 205 -9.85 -2.62 -20.62
CA LEU A 205 -9.68 -4.06 -20.60
C LEU A 205 -8.24 -4.49 -20.83
N MET A 206 -7.53 -3.88 -21.79
CA MET A 206 -6.13 -4.21 -22.00
C MET A 206 -5.29 -3.80 -20.80
N ASN A 207 -5.75 -2.84 -20.00
CA ASN A 207 -5.05 -2.48 -18.79
C ASN A 207 -4.95 -3.65 -17.82
N LEU A 208 -5.89 -4.59 -17.90
CA LEU A 208 -5.77 -5.81 -17.10
C LEU A 208 -4.51 -6.59 -17.48
N ILE A 209 -4.23 -6.69 -18.78
CA ILE A 209 -2.99 -7.33 -19.21
C ILE A 209 -1.79 -6.58 -18.68
N ALA A 210 -1.84 -5.24 -18.70
CA ALA A 210 -0.76 -4.45 -18.15
C ALA A 210 -0.58 -4.71 -16.66
N THR A 211 -1.69 -4.91 -15.95
CA THR A 211 -1.59 -5.15 -14.51
C THR A 211 -0.88 -6.48 -14.23
N ILE A 212 -1.22 -7.54 -14.97
CA ILE A 212 -0.51 -8.80 -14.77
C ILE A 212 0.94 -8.69 -15.24
N PHE A 213 1.21 -7.85 -16.24
CA PHE A 213 2.59 -7.63 -16.66
C PHE A 213 3.39 -7.00 -15.54
N VAL A 214 2.83 -5.99 -14.89
CA VAL A 214 3.54 -5.34 -13.78
C VAL A 214 3.65 -6.28 -12.60
N PHE A 215 2.62 -7.10 -12.35
CA PHE A 215 2.72 -8.13 -11.33
C PHE A 215 3.92 -9.04 -11.59
N ALA A 216 4.04 -9.55 -12.82
CA ALA A 216 5.14 -10.45 -13.14
C ALA A 216 6.48 -9.75 -13.00
N VAL A 217 6.58 -8.52 -13.49
CA VAL A 217 7.85 -7.79 -13.43
C VAL A 217 8.25 -7.55 -11.98
N VAL A 218 7.28 -7.20 -11.12
CA VAL A 218 7.60 -6.93 -9.73
C VAL A 218 7.97 -8.20 -9.00
N ILE A 219 7.23 -9.29 -9.21
CA ILE A 219 7.58 -10.53 -8.52
C ILE A 219 8.88 -11.10 -9.05
N TYR A 220 9.32 -10.71 -10.24
CA TYR A 220 10.67 -11.04 -10.68
C TYR A 220 11.71 -10.18 -9.99
N PHE A 221 11.59 -8.86 -10.14
CA PHE A 221 12.61 -7.93 -9.66
C PHE A 221 12.68 -7.85 -8.14
N GLN A 222 11.68 -8.38 -7.42
CA GLN A 222 11.74 -8.41 -5.97
C GLN A 222 12.33 -9.70 -5.43
N GLY A 223 12.45 -10.73 -6.26
CA GLY A 223 13.19 -11.92 -5.87
C GLY A 223 14.68 -11.76 -5.90
N PHE A 224 15.18 -10.65 -6.46
CA PHE A 224 16.61 -10.38 -6.45
C PHE A 224 17.10 -10.21 -5.03
N ARG A 225 18.21 -10.88 -4.71
CA ARG A 225 18.78 -10.81 -3.38
C ARG A 225 20.25 -11.17 -3.43
N VAL A 226 20.97 -10.78 -2.38
CA VAL A 226 22.39 -11.07 -2.24
C VAL A 226 22.56 -12.06 -1.11
N ASP A 227 23.37 -13.09 -1.34
CA ASP A 227 23.61 -14.15 -0.36
C ASP A 227 24.96 -13.93 0.32
N LEU A 228 24.94 -13.87 1.64
CA LEU A 228 26.16 -13.73 2.44
C LEU A 228 26.33 -14.95 3.33
N PRO A 229 27.24 -15.86 3.01
CA PRO A 229 27.42 -17.05 3.84
C PRO A 229 27.89 -16.68 5.24
N ILE A 230 27.18 -17.18 6.24
CA ILE A 230 27.51 -16.92 7.64
C ILE A 230 27.23 -18.19 8.44
N LYS A 231 28.29 -18.84 8.92
CA LYS A 231 28.13 -19.97 9.82
C LYS A 231 27.92 -19.44 11.24
N SER A 232 27.76 -20.36 12.19
CA SER A 232 27.58 -19.96 13.57
C SER A 232 28.94 -19.74 14.23
N ALA A 233 28.92 -19.40 15.52
CA ALA A 233 30.14 -19.13 16.27
C ALA A 233 30.63 -20.32 17.07
N ARG A 234 29.79 -21.33 17.30
CA ARG A 234 30.20 -22.53 18.00
C ARG A 234 30.13 -23.76 17.11
N TYR A 235 28.97 -24.05 16.52
CA TYR A 235 28.81 -25.28 15.77
C TYR A 235 29.55 -25.22 14.44
N ARG A 236 29.87 -26.38 13.90
CA ARG A 236 30.63 -26.51 12.67
C ARG A 236 29.74 -27.02 11.55
N GLY A 237 29.96 -26.49 10.34
CA GLY A 237 29.32 -27.02 9.16
C GLY A 237 28.02 -26.35 8.78
N GLN A 238 26.97 -26.55 9.59
CA GLN A 238 25.65 -26.02 9.28
C GLN A 238 25.71 -24.52 9.11
N TYR A 239 25.55 -24.03 7.88
CA TYR A 239 25.70 -22.61 7.57
C TYR A 239 24.37 -22.07 7.08
N ASN A 240 23.87 -21.04 7.75
CA ASN A 240 22.71 -20.31 7.30
C ASN A 240 23.15 -19.16 6.40
N THR A 241 22.20 -18.64 5.62
CA THR A 241 22.46 -17.54 4.70
C THR A 241 21.59 -16.36 5.06
N TYR A 242 22.20 -15.17 5.15
CA TYR A 242 21.45 -13.96 5.40
C TYR A 242 21.19 -13.28 4.07
N PRO A 243 19.94 -13.11 3.65
CA PRO A 243 19.66 -12.54 2.34
C PRO A 243 19.60 -11.02 2.36
N ILE A 244 20.27 -10.41 1.39
CA ILE A 244 20.17 -8.97 1.16
C ILE A 244 19.32 -8.74 -0.08
N LYS A 245 18.02 -8.57 0.10
CA LYS A 245 17.12 -8.41 -1.03
C LYS A 245 17.40 -7.12 -1.78
N LEU A 246 17.16 -7.14 -3.09
CA LEU A 246 17.28 -5.91 -3.87
C LEU A 246 16.29 -4.86 -3.38
N PHE A 247 15.06 -5.28 -3.10
CA PHE A 247 14.09 -4.43 -2.41
C PHE A 247 14.38 -4.46 -0.90
N TYR A 248 15.62 -4.09 -0.57
CA TYR A 248 16.10 -4.25 0.80
C TYR A 248 15.22 -3.49 1.78
N THR A 249 14.76 -2.31 1.40
CA THR A 249 13.87 -1.53 2.22
C THR A 249 12.41 -1.71 1.81
N SER A 250 12.13 -2.71 0.99
CA SER A 250 10.77 -3.17 0.65
C SER A 250 9.92 -1.97 0.23
N ASN A 251 8.72 -1.78 0.77
CA ASN A 251 7.77 -0.81 0.25
C ASN A 251 7.70 0.49 1.02
N ILE A 252 8.48 0.64 2.11
CA ILE A 252 8.53 1.94 2.80
C ILE A 252 8.93 3.10 1.91
N PRO A 253 9.93 2.98 1.03
CA PRO A 253 10.21 4.14 0.15
C PRO A 253 9.02 4.52 -0.71
N ILE A 254 8.29 3.55 -1.27
CA ILE A 254 7.19 3.89 -2.16
C ILE A 254 6.02 4.47 -1.37
N ILE A 255 5.74 3.95 -0.18
CA ILE A 255 4.63 4.52 0.58
C ILE A 255 4.99 5.91 1.07
N LEU A 256 6.27 6.13 1.43
CA LEU A 256 6.69 7.46 1.83
C LEU A 256 6.54 8.45 0.66
N GLN A 257 6.99 8.05 -0.53
CA GLN A 257 6.87 8.93 -1.68
C GLN A 257 5.40 9.23 -2.00
N SER A 258 4.57 8.18 -1.99
CA SER A 258 3.15 8.36 -2.28
C SER A 258 2.49 9.24 -1.23
N ALA A 259 2.85 9.08 0.04
CA ALA A 259 2.27 9.91 1.10
C ALA A 259 2.67 11.36 0.95
N LEU A 260 3.94 11.63 0.64
CA LEU A 260 4.37 13.01 0.43
C LEU A 260 3.64 13.62 -0.77
N VAL A 261 3.51 12.86 -1.85
CA VAL A 261 2.81 13.35 -3.04
C VAL A 261 1.35 13.63 -2.71
N SER A 262 0.70 12.73 -1.97
CA SER A 262 -0.71 12.91 -1.63
C SER A 262 -0.91 14.12 -0.72
N ASN A 263 -0.03 14.28 0.27
CA ASN A 263 -0.14 15.44 1.16
C ASN A 263 0.04 16.74 0.40
N LEU A 264 1.04 16.79 -0.49
CA LEU A 264 1.25 17.98 -1.30
C LEU A 264 0.06 18.24 -2.22
N TYR A 265 -0.52 17.18 -2.78
CA TYR A 265 -1.68 17.31 -3.65
C TYR A 265 -2.85 17.91 -2.88
N VAL A 266 -3.12 17.39 -1.67
CA VAL A 266 -4.23 17.88 -0.88
C VAL A 266 -4.00 19.34 -0.50
N ILE A 267 -2.77 19.67 -0.09
CA ILE A 267 -2.47 21.06 0.29
C ILE A 267 -2.68 21.99 -0.90
N SER A 268 -2.17 21.59 -2.07
CA SER A 268 -2.29 22.43 -3.26
C SER A 268 -3.75 22.59 -3.68
N GLN A 269 -4.54 21.51 -3.61
CA GLN A 269 -5.94 21.61 -4.01
C GLN A 269 -6.73 22.48 -3.04
N MET A 270 -6.47 22.35 -1.74
CA MET A 270 -7.13 23.23 -0.76
C MET A 270 -6.73 24.69 -0.99
N LEU A 271 -5.46 24.93 -1.27
CA LEU A 271 -5.01 26.30 -1.55
C LEU A 271 -5.68 26.85 -2.80
N SER A 272 -5.80 26.03 -3.84
CA SER A 272 -6.46 26.48 -5.07
C SER A 272 -7.93 26.77 -4.83
N ALA A 273 -8.59 25.94 -4.02
CA ALA A 273 -10.00 26.14 -3.72
C ALA A 273 -10.25 27.37 -2.85
N ARG A 274 -9.32 27.71 -1.96
CA ARG A 274 -9.51 28.85 -1.07
C ARG A 274 -8.99 30.16 -1.68
N PHE A 275 -7.70 30.22 -1.98
CA PHE A 275 -7.07 31.39 -2.57
C PHE A 275 -7.05 31.23 -4.08
N SER A 276 -7.35 32.30 -4.80
CA SER A 276 -7.37 32.27 -6.25
C SER A 276 -5.93 32.35 -6.79
N GLY A 277 -5.80 32.55 -8.10
CA GLY A 277 -4.48 32.54 -8.72
C GLY A 277 -3.61 33.66 -8.19
N ASN A 278 -2.32 33.37 -8.06
CA ASN A 278 -1.34 34.33 -7.57
C ASN A 278 0.05 33.81 -7.95
N LEU A 279 1.08 34.53 -7.51
CA LEU A 279 2.44 34.11 -7.79
C LEU A 279 2.86 32.93 -6.92
N LEU A 280 2.31 32.83 -5.70
CA LEU A 280 2.69 31.76 -4.80
C LEU A 280 1.97 30.46 -5.13
N VAL A 281 0.64 30.52 -5.28
CA VAL A 281 -0.14 29.32 -5.56
C VAL A 281 0.23 28.74 -6.92
N SER A 282 0.65 29.60 -7.87
CA SER A 282 1.13 29.10 -9.15
C SER A 282 2.43 28.33 -8.97
N LEU A 283 3.31 28.79 -8.07
CA LEU A 283 4.54 28.07 -7.79
C LEU A 283 4.25 26.70 -7.20
N LEU A 284 3.27 26.61 -6.29
CA LEU A 284 2.90 25.33 -5.71
C LEU A 284 2.19 24.43 -6.72
N GLY A 285 1.54 25.00 -7.73
CA GLY A 285 0.85 24.23 -8.73
C GLY A 285 -0.64 24.51 -8.78
N THR A 286 -1.11 25.06 -9.89
CA THR A 286 -2.53 25.36 -10.04
C THR A 286 -3.35 24.06 -10.14
N TRP A 287 -4.61 24.15 -9.72
CA TRP A 287 -5.50 23.01 -9.78
C TRP A 287 -5.74 22.54 -11.21
N LEU A 288 4.40 23.83 -10.55
CA LEU A 288 5.40 22.77 -10.38
C LEU A 288 4.72 21.45 -10.05
N CYS A 289 3.52 21.53 -9.46
CA CYS A 289 2.74 20.32 -9.22
C CYS A 289 2.32 19.66 -10.52
N TYR A 290 2.12 20.45 -11.57
CA TYR A 290 1.84 19.87 -12.89
C TYR A 290 3.02 19.05 -13.37
N TYR A 291 4.24 19.51 -13.09
CA TYR A 291 5.41 18.67 -13.34
C TYR A 291 5.39 17.42 -12.49
N LEU A 292 4.75 17.48 -11.33
CA LEU A 292 4.68 16.36 -10.40
C LEU A 292 3.51 15.43 -10.67
N SER A 293 2.66 15.76 -11.63
CA SER A 293 1.49 14.94 -11.93
C SER A 293 1.89 13.73 -12.77
N PRO A 294 1.58 12.51 -12.33
CA PRO A 294 1.89 11.34 -13.15
C PRO A 294 1.11 11.37 -14.45
N PRO A 295 1.75 11.11 -15.58
CA PRO A 295 1.02 11.10 -16.85
C PRO A 295 0.02 9.96 -16.88
N GLU A 296 -1.20 10.28 -17.29
CA GLU A 296 -2.26 9.26 -17.31
C GLU A 296 -2.05 8.26 -18.43
N SER A 297 -1.49 8.70 -19.56
CA SER A 297 -1.29 7.81 -20.70
C SER A 297 -0.12 8.30 -21.53
N PHE A 298 0.21 7.55 -22.57
CA PHE A 298 1.36 7.86 -23.41
C PHE A 298 1.15 9.16 -24.17
N GLY A 299 -0.07 9.44 -24.60
CA GLY A 299 -0.32 10.62 -25.42
C GLY A 299 0.03 11.91 -24.72
N SER A 300 -0.30 12.01 -23.42
CA SER A 300 0.05 13.21 -22.67
C SER A 300 1.56 13.39 -22.55
N VAL A 301 2.32 12.28 -22.58
CA VAL A 301 3.77 12.36 -22.42
C VAL A 301 4.39 13.13 -23.58
N LEU A 302 3.95 12.86 -24.81
CA LEU A 302 4.53 13.51 -25.97
C LEU A 302 4.23 15.00 -26.05
N GLU A 303 3.21 15.48 -25.32
CA GLU A 303 2.91 16.91 -25.32
C GLU A 303 3.94 17.70 -24.54
N ASP A 304 4.35 17.21 -23.36
CA ASP A 304 5.30 17.90 -22.49
C ASP A 304 6.38 16.91 -22.03
N PRO A 305 7.30 16.55 -22.93
CA PRO A 305 8.38 15.63 -22.56
C PRO A 305 9.27 16.16 -21.46
N VAL A 306 9.42 17.49 -21.35
CA VAL A 306 10.19 18.04 -20.24
C VAL A 306 9.53 17.68 -18.91
N HIS A 307 8.20 17.81 -18.85
CA HIS A 307 7.48 17.39 -17.65
C HIS A 307 7.63 15.89 -17.43
N ALA A 308 7.56 15.09 -18.49
CA ALA A 308 7.72 13.65 -18.31
C ALA A 308 9.07 13.31 -17.72
N VAL A 309 10.13 13.93 -18.25
CA VAL A 309 11.49 13.67 -17.76
C VAL A 309 11.63 14.11 -16.31
N VAL A 310 11.11 15.30 -15.98
CA VAL A 310 11.26 15.76 -14.61
C VAL A 310 10.45 14.89 -13.66
N TYR A 311 9.30 14.36 -14.10
CA TYR A 311 8.51 13.49 -13.24
C TYR A 311 9.22 12.17 -12.99
N ILE A 312 9.76 11.56 -14.04
CA ILE A 312 10.45 10.29 -13.84
C ILE A 312 11.69 10.49 -12.99
N VAL A 313 12.43 11.58 -13.20
CA VAL A 313 13.61 11.82 -12.39
C VAL A 313 13.23 12.10 -10.94
N PHE A 314 12.10 12.77 -10.71
CA PHE A 314 11.69 13.01 -9.33
C PHE A 314 11.31 11.70 -8.65
N MET A 315 10.46 10.91 -9.27
CA MET A 315 9.99 9.73 -8.55
C MET A 315 11.02 8.60 -8.57
N LEU A 316 12.13 8.76 -9.29
CA LEU A 316 13.29 7.89 -9.08
C LEU A 316 14.16 8.42 -7.94
N GLY A 317 14.62 9.67 -8.05
CA GLY A 317 15.57 10.18 -7.09
C GLY A 317 14.99 10.32 -5.69
N SER A 318 13.75 10.81 -5.59
CA SER A 318 13.13 10.95 -4.27
C SER A 318 12.93 9.60 -3.60
N CYS A 319 12.52 8.60 -4.36
CA CYS A 319 12.38 7.26 -3.78
C CYS A 319 13.72 6.72 -3.32
N ALA A 320 14.76 6.89 -4.13
CA ALA A 320 16.08 6.42 -3.74
C ALA A 320 16.57 7.14 -2.48
N PHE A 321 16.39 8.45 -2.41
CA PHE A 321 16.82 9.21 -1.25
C PHE A 321 16.04 8.83 -0.02
N PHE A 322 14.73 8.59 -0.17
CA PHE A 322 13.92 8.14 0.95
C PHE A 322 14.40 6.79 1.47
N SER A 323 14.72 5.87 0.57
CA SER A 323 15.25 4.57 0.99
C SER A 323 16.58 4.73 1.73
N LYS A 324 17.47 5.56 1.17
CA LYS A 324 18.79 5.74 1.77
C LYS A 324 18.70 6.37 3.16
N THR A 325 17.78 7.32 3.32
CA THR A 325 17.58 7.91 4.65
C THR A 325 16.89 6.93 5.59
N TRP A 326 15.96 6.13 5.06
CA TRP A 326 15.17 5.24 5.92
C TRP A 326 16.03 4.12 6.50
N ILE A 327 16.96 3.58 5.71
CA ILE A 327 17.79 2.49 6.24
C ILE A 327 18.61 2.98 7.43
N GLU A 328 19.07 4.25 7.38
CA GLU A 328 19.86 4.79 8.47
C GLU A 328 19.05 4.90 9.76
N VAL A 329 17.79 5.33 9.65
CA VAL A 329 17.00 5.58 10.85
C VAL A 329 16.28 4.33 11.34
N SER A 330 15.87 3.44 10.43
CA SER A 330 15.08 2.27 10.82
C SER A 330 15.91 1.20 11.51
N GLY A 331 17.15 1.47 11.90
CA GLY A 331 17.96 0.46 12.56
C GLY A 331 18.24 -0.73 11.67
N SER A 332 18.63 -0.46 10.42
CA SER A 332 18.92 -1.53 9.47
C SER A 332 20.17 -1.26 8.65
N SER A 333 21.04 -0.36 9.09
CA SER A 333 22.26 -0.05 8.37
C SER A 333 23.28 -1.15 8.58
N ALA A 334 24.48 -0.95 8.03
CA ALA A 334 25.53 -1.96 8.11
C ALA A 334 25.92 -2.22 9.57
N LYS A 335 26.12 -1.16 10.34
CA LYS A 335 26.50 -1.32 11.73
C LYS A 335 25.41 -2.03 12.52
N ASP A 336 24.15 -1.65 12.29
CA ASP A 336 23.04 -2.26 13.02
C ASP A 336 22.90 -3.75 12.68
N VAL A 337 23.00 -4.09 11.41
CA VAL A 337 22.86 -5.50 11.02
C VAL A 337 24.04 -6.31 11.53
N ALA A 338 25.24 -5.74 11.52
CA ALA A 338 26.39 -6.45 12.08
C ALA A 338 26.21 -6.67 13.57
N LYS A 339 25.71 -5.67 14.29
CA LYS A 339 25.45 -5.83 15.71
C LYS A 339 24.40 -6.92 15.96
N GLN A 340 23.35 -6.94 15.15
CA GLN A 340 22.32 -7.97 15.30
C GLN A 340 22.91 -9.36 15.03
N LEU A 341 23.73 -9.49 13.99
CA LEU A 341 24.34 -10.78 13.70
C LEU A 341 25.26 -11.22 14.82
N LYS A 342 26.01 -10.28 15.40
CA LYS A 342 26.85 -10.62 16.55
C LYS A 342 25.99 -11.08 17.72
N GLU A 343 24.87 -10.39 17.97
CA GLU A 343 23.98 -10.80 19.04
C GLU A 343 23.32 -12.15 18.77
N GLN A 344 23.24 -12.56 17.51
CA GLN A 344 22.79 -13.91 17.18
C GLN A 344 23.94 -14.90 17.10
N GLN A 345 25.16 -14.46 17.43
CA GLN A 345 26.35 -15.32 17.44
C GLN A 345 26.56 -15.98 16.07
N MET A 346 26.53 -15.16 15.02
CA MET A 346 26.82 -15.63 13.67
C MET A 346 27.84 -14.70 13.04
N VAL A 347 28.88 -15.28 12.46
CA VAL A 347 29.94 -14.53 11.80
C VAL A 347 30.14 -15.09 10.41
N MET A 348 30.84 -14.33 9.58
CA MET A 348 31.07 -14.75 8.21
C MET A 348 32.10 -15.87 8.17
N ARG A 349 32.44 -16.31 6.96
CA ARG A 349 33.29 -17.49 6.81
C ARG A 349 34.68 -17.27 7.40
N GLY A 350 35.29 -16.12 7.12
CA GLY A 350 36.64 -15.88 7.58
C GLY A 350 36.91 -14.45 7.98
N HIS A 351 35.86 -13.66 8.17
CA HIS A 351 36.01 -12.23 8.42
C HIS A 351 35.95 -11.95 9.91
N ARG A 352 36.97 -11.26 10.42
CA ARG A 352 36.91 -10.67 11.74
C ARG A 352 35.72 -9.72 11.81
N GLU A 353 35.20 -9.52 13.04
CA GLU A 353 33.94 -8.81 13.22
C GLU A 353 33.93 -7.47 12.49
N THR A 354 35.02 -6.72 12.58
CA THR A 354 35.08 -5.43 11.89
C THR A 354 34.97 -5.60 10.39
N SER A 355 35.63 -6.62 9.83
CA SER A 355 35.55 -6.84 8.39
C SER A 355 34.14 -7.17 7.94
N MET A 356 33.29 -7.66 8.84
CA MET A 356 31.89 -7.90 8.46
C MET A 356 31.16 -6.59 8.21
N VAL A 357 31.47 -5.55 9.01
CA VAL A 357 30.82 -4.26 8.82
C VAL A 357 31.13 -3.71 7.44
N HIS A 358 32.39 -3.75 7.03
CA HIS A 358 32.76 -3.27 5.70
C HIS A 358 32.17 -4.17 4.62
N GLU A 359 32.17 -5.49 4.85
CA GLU A 359 31.65 -6.41 3.85
C GLU A 359 30.16 -6.16 3.60
N LEU A 360 29.39 -5.95 4.66
CA LEU A 360 27.99 -5.62 4.49
C LEU A 360 27.83 -4.22 3.89
N ASN A 361 28.68 -3.29 4.30
CA ASN A 361 28.65 -1.94 3.73
C ASN A 361 28.93 -1.94 2.24
N ARG A 362 29.57 -3.00 1.73
CA ARG A 362 29.78 -3.12 0.29
C ARG A 362 28.47 -3.25 -0.46
N TYR A 363 27.40 -3.69 0.20
CA TYR A 363 26.13 -3.95 -0.48
C TYR A 363 24.98 -3.10 0.05
N ILE A 364 24.81 -3.02 1.38
CA ILE A 364 23.58 -2.45 1.93
C ILE A 364 23.32 -1.03 1.47
N PRO A 365 24.28 -0.09 1.52
CA PRO A 365 23.97 1.25 0.97
C PRO A 365 23.62 1.23 -0.50
N THR A 366 24.45 0.56 -1.31
CA THR A 366 24.14 0.44 -2.73
C THR A 366 22.85 -0.33 -2.94
N ALA A 367 22.64 -1.40 -2.18
CA ALA A 367 21.41 -2.17 -2.31
C ALA A 367 20.19 -1.31 -2.01
N ALA A 368 20.24 -0.53 -0.93
CA ALA A 368 19.11 0.32 -0.57
C ALA A 368 18.85 1.39 -1.63
N ALA A 369 19.91 2.07 -2.07
CA ALA A 369 19.74 3.14 -3.04
C ALA A 369 19.21 2.60 -4.37
N PHE A 370 19.81 1.53 -4.88
CA PHE A 370 19.35 0.95 -6.13
C PHE A 370 17.98 0.33 -6.00
N GLY A 371 17.63 -0.19 -4.82
CA GLY A 371 16.29 -0.71 -4.63
C GLY A 371 15.25 0.38 -4.67
N GLY A 372 15.52 1.51 -4.02
CA GLY A 372 14.61 2.65 -4.12
C GLY A 372 14.48 3.15 -5.55
N LEU A 373 15.60 3.28 -6.25
CA LEU A 373 15.56 3.70 -7.65
C LEU A 373 14.77 2.72 -8.50
N CYS A 374 14.96 1.43 -8.25
CA CYS A 374 14.30 0.42 -9.08
C CYS A 374 12.80 0.35 -8.80
N ILE A 375 12.39 0.49 -7.54
CA ILE A 375 10.96 0.47 -7.28
C ILE A 375 10.31 1.74 -7.80
N GLY A 376 11.01 2.88 -7.76
CA GLY A 376 10.51 4.07 -8.42
C GLY A 376 10.36 3.89 -9.92
N ALA A 377 11.35 3.24 -10.54
CA ALA A 377 11.27 2.96 -11.97
C ALA A 377 10.13 2.02 -12.29
N LEU A 378 9.87 1.04 -11.43
CA LEU A 378 8.73 0.16 -11.62
C LEU A 378 7.41 0.93 -11.51
N SER A 379 7.33 1.85 -10.54
CA SER A 379 6.16 2.70 -10.43
C SER A 379 5.97 3.54 -11.69
N VAL A 380 7.07 4.02 -12.27
CA VAL A 380 7.00 4.70 -13.56
C VAL A 380 6.43 3.76 -14.62
N LEU A 381 6.93 2.52 -14.66
CA LEU A 381 6.54 1.59 -15.71
C LEU A 381 5.06 1.27 -15.62
N ALA A 382 4.54 1.02 -14.42
CA ALA A 382 3.12 0.74 -14.25
C ALA A 382 2.28 1.96 -14.60
N ASP A 383 2.72 3.15 -14.21
CA ASP A 383 1.97 4.36 -14.51
C ASP A 383 1.90 4.61 -16.00
N PHE A 384 2.99 4.35 -16.73
CA PHE A 384 2.98 4.57 -18.17
C PHE A 384 2.00 3.63 -18.87
N LEU A 385 1.96 2.37 -18.43
CA LEU A 385 0.97 1.45 -18.98
C LEU A 385 -0.45 1.74 -18.47
N GLY A 386 -0.58 2.56 -17.43
CA GLY A 386 -1.88 2.85 -16.87
C GLY A 386 -2.56 1.61 -16.33
N ALA A 387 -1.84 0.82 -15.55
CA ALA A 387 -2.37 -0.43 -15.03
C ALA A 387 -3.59 -0.17 -14.14
N ILE A 388 -4.26 -1.26 -13.77
CA ILE A 388 -5.50 -1.15 -12.99
C ILE A 388 -5.22 -0.46 -11.67
N GLY A 389 -4.18 -0.90 -10.97
CA GLY A 389 -3.71 -0.16 -9.82
C GLY A 389 -3.07 1.15 -10.24
N SER A 390 -3.17 2.15 -9.37
CA SER A 390 -2.66 3.48 -9.70
C SER A 390 -1.16 3.56 -9.47
N GLY A 391 -0.40 2.60 -10.02
CA GLY A 391 1.04 2.62 -9.93
C GLY A 391 1.55 2.29 -8.54
N THR A 392 1.33 3.20 -7.60
CA THR A 392 1.78 2.96 -6.22
C THR A 392 0.99 1.83 -5.58
N GLY A 393 -0.28 1.70 -5.93
CA GLY A 393 -1.09 0.64 -5.35
C GLY A 393 -0.61 -0.74 -5.75
N ILE A 394 -0.12 -0.88 -6.98
CA ILE A 394 0.33 -2.18 -7.47
C ILE A 394 1.50 -2.68 -6.64
N LEU A 395 2.50 -1.82 -6.42
CA LEU A 395 3.65 -2.20 -5.61
C LEU A 395 3.25 -2.39 -4.15
N LEU A 396 2.49 -1.44 -3.61
CA LEU A 396 2.06 -1.52 -2.22
C LEU A 396 1.26 -2.78 -1.94
N ALA A 397 0.64 -3.36 -2.97
CA ALA A 397 0.05 -4.67 -2.83
C ALA A 397 1.10 -5.77 -2.93
N VAL A 398 1.76 -5.86 -4.10
CA VAL A 398 2.59 -7.04 -4.39
C VAL A 398 3.62 -7.27 -3.29
N THR A 399 4.28 -6.20 -2.85
CA THR A 399 5.22 -6.35 -1.74
C THR A 399 4.54 -6.91 -0.50
N ILE A 400 3.27 -6.55 -0.27
CA ILE A 400 2.61 -6.96 0.96
C ILE A 400 2.16 -8.42 0.89
N ILE A 401 1.65 -8.85 -0.27
CA ILE A 401 1.42 -10.29 -0.40
C ILE A 401 2.73 -11.06 -0.32
N TYR A 402 3.84 -10.46 -0.76
CA TYR A 402 5.13 -11.13 -0.53
C TYR A 402 5.41 -11.27 0.96
N GLN A 403 5.14 -10.22 1.74
CA GLN A 403 5.33 -10.31 3.18
C GLN A 403 4.47 -11.40 3.79
N TYR A 404 3.21 -11.48 3.37
CA TYR A 404 2.30 -12.49 3.92
C TYR A 404 2.71 -13.89 3.50
N PHE A 405 3.19 -14.05 2.26
CA PHE A 405 3.69 -15.35 1.81
C PHE A 405 4.90 -15.76 2.65
N GLU A 406 5.80 -14.81 2.94
CA GLU A 406 6.95 -15.12 3.77
C GLU A 406 6.53 -15.56 5.16
N ILE A 407 5.56 -14.86 5.77
CA ILE A 407 5.13 -15.23 7.11
C ILE A 407 4.44 -16.59 7.09
N PHE A 408 3.69 -16.88 6.02
CA PHE A 408 3.01 -18.16 5.91
C PHE A 408 3.99 -19.32 5.78
N VAL A 409 5.00 -19.16 4.92
CA VAL A 409 5.99 -20.23 4.78
C VAL A 409 6.89 -20.33 5.99
N LYS A 410 7.08 -19.23 6.72
CA LYS A 410 7.81 -19.31 7.99
C LYS A 410 7.00 -20.12 9.00
N GLU A 411 5.67 -19.94 9.00
CA GLU A 411 4.83 -20.71 9.90
C GLU A 411 4.97 -22.21 9.67
N GLN A 412 4.95 -22.63 8.41
CA GLN A 412 5.10 -24.05 8.09
C GLN A 412 6.41 -24.32 7.38
N ALA B 1 37.55 18.73 -15.88
CA ALA B 1 36.25 19.24 -15.47
C ALA B 1 35.32 18.10 -15.10
N ALA B 2 35.75 16.87 -15.38
CA ALA B 2 34.96 15.67 -15.08
C ALA B 2 35.12 15.31 -13.61
N PHE B 3 34.61 16.19 -12.76
CA PHE B 3 34.67 16.02 -11.32
C PHE B 3 33.46 15.29 -10.76
N VAL B 4 32.54 14.85 -11.62
CA VAL B 4 31.35 14.14 -11.17
C VAL B 4 31.72 12.68 -10.96
N GLU B 5 32.18 12.37 -9.76
CA GLU B 5 32.61 11.02 -9.38
C GLU B 5 31.45 10.07 -9.05
N PRO B 6 30.48 10.44 -8.18
CA PRO B 6 29.57 9.42 -7.67
C PRO B 6 28.56 8.93 -8.71
N SER B 7 28.16 9.81 -9.64
CA SER B 7 27.22 9.39 -10.67
C SER B 7 27.77 8.24 -11.49
N ARG B 8 29.04 8.33 -11.89
CA ARG B 8 29.69 7.19 -12.52
C ARG B 8 29.95 6.09 -11.49
N GLN B 9 30.28 6.46 -10.26
CA GLN B 9 30.54 5.46 -9.24
C GLN B 9 29.27 4.69 -8.89
N PHE B 10 28.12 5.37 -8.84
CA PHE B 10 26.87 4.69 -8.53
C PHE B 10 26.54 3.65 -9.58
N VAL B 11 26.68 4.00 -10.86
CA VAL B 11 26.44 3.02 -11.92
C VAL B 11 27.50 1.93 -11.87
N LYS B 12 28.76 2.30 -11.65
CA LYS B 12 29.82 1.30 -11.55
C LYS B 12 29.68 0.40 -10.34
N ASP B 13 28.89 0.82 -9.34
CA ASP B 13 28.66 0.01 -8.15
C ASP B 13 27.31 -0.69 -8.17
N SER B 14 26.29 -0.07 -8.74
CA SER B 14 24.99 -0.73 -8.84
C SER B 14 25.08 -1.98 -9.71
N ILE B 15 25.86 -1.92 -10.79
CA ILE B 15 26.06 -3.10 -11.63
C ILE B 15 26.68 -4.22 -10.81
N ARG B 16 27.61 -3.88 -9.92
CA ARG B 16 28.21 -4.87 -9.05
C ARG B 16 27.16 -5.55 -8.17
N LEU B 17 26.20 -4.77 -7.66
CA LEU B 17 25.14 -5.34 -6.84
C LEU B 17 24.32 -6.36 -7.62
N VAL B 18 23.93 -6.00 -8.85
CA VAL B 18 23.03 -6.88 -9.60
C VAL B 18 23.76 -8.09 -10.14
N LYS B 19 25.09 -8.07 -10.19
CA LYS B 19 25.84 -9.18 -10.76
C LYS B 19 26.24 -10.23 -9.74
N ARG B 20 26.32 -9.87 -8.45
CA ARG B 20 26.45 -10.84 -7.38
C ARG B 20 25.11 -11.13 -6.70
N CYS B 21 24.02 -10.67 -7.29
CA CYS B 21 22.69 -11.09 -6.87
C CYS B 21 22.32 -12.40 -7.56
N THR B 22 21.34 -13.09 -6.98
CA THR B 22 20.80 -14.31 -7.58
C THR B 22 19.47 -14.00 -8.24
N LYS B 23 19.37 -14.33 -9.52
CA LYS B 23 18.17 -14.05 -10.29
C LYS B 23 17.20 -15.21 -10.13
N PRO B 24 15.99 -14.99 -9.59
CA PRO B 24 15.00 -16.08 -9.52
C PRO B 24 14.75 -16.68 -10.88
N ASP B 25 15.13 -17.94 -11.06
CA ASP B 25 14.99 -18.64 -12.32
C ASP B 25 13.63 -19.32 -12.37
N ARG B 26 13.44 -20.15 -13.39
CA ARG B 26 12.14 -20.79 -13.65
C ARG B 26 11.55 -21.43 -12.41
N LYS B 27 12.22 -22.44 -11.85
CA LYS B 27 11.66 -23.17 -10.72
C LYS B 27 11.27 -22.25 -9.58
N GLU B 28 12.07 -21.22 -9.34
CA GLU B 28 11.75 -20.26 -8.28
C GLU B 28 10.59 -19.36 -8.70
N PHE B 29 10.44 -19.10 -10.00
CA PHE B 29 9.45 -18.13 -10.46
C PHE B 29 8.02 -18.63 -10.21
N GLN B 30 7.72 -19.85 -10.63
CA GLN B 30 6.40 -20.42 -10.37
C GLN B 30 6.12 -20.56 -8.88
N LYS B 31 7.14 -20.89 -8.09
CA LYS B 31 6.97 -21.03 -6.64
C LYS B 31 6.41 -19.75 -6.02
N ILE B 32 6.77 -18.60 -6.59
CA ILE B 32 6.29 -17.32 -6.06
C ILE B 32 5.14 -16.73 -6.87
N ALA B 33 5.02 -17.09 -8.16
CA ALA B 33 3.95 -16.54 -8.99
C ALA B 33 2.58 -16.96 -8.47
N MET B 34 2.42 -18.24 -8.15
CA MET B 34 1.16 -18.73 -7.61
C MET B 34 0.88 -18.09 -6.26
N ALA B 35 1.91 -18.00 -5.41
CA ALA B 35 1.71 -17.48 -4.06
C ALA B 35 1.18 -16.05 -4.09
N THR B 36 1.73 -15.22 -4.97
CA THR B 36 1.15 -13.89 -5.18
C THR B 36 -0.26 -13.99 -5.74
N ALA B 37 -0.47 -14.89 -6.69
CA ALA B 37 -1.78 -15.04 -7.31
C ALA B 37 -2.82 -15.52 -6.30
N ILE B 38 -2.47 -16.53 -5.50
CA ILE B 38 -3.40 -17.02 -4.49
C ILE B 38 -3.70 -15.94 -3.46
N GLY B 39 -2.67 -15.23 -3.01
CA GLY B 39 -2.90 -14.09 -2.13
C GLY B 39 -3.70 -13.00 -2.82
N PHE B 40 -3.46 -12.81 -4.13
CA PHE B 40 -4.31 -11.93 -4.91
C PHE B 40 -5.73 -12.47 -4.98
N ALA B 41 -5.87 -13.78 -5.20
CA ALA B 41 -7.19 -14.38 -5.31
C ALA B 41 -7.92 -14.36 -3.98
N ILE B 42 -7.20 -14.57 -2.88
CA ILE B 42 -7.83 -14.60 -1.56
C ILE B 42 -8.49 -13.26 -1.26
N MET B 43 -7.79 -12.16 -1.54
CA MET B 43 -8.37 -10.84 -1.41
C MET B 43 -9.15 -10.41 -2.65
N GLY B 44 -9.06 -11.17 -3.73
CA GLY B 44 -9.75 -10.83 -4.97
C GLY B 44 -11.00 -11.64 -5.23
N PHE B 45 -11.26 -12.65 -4.39
CA PHE B 45 -12.47 -13.44 -4.47
C PHE B 45 -13.32 -13.32 -3.22
N ILE B 46 -12.74 -13.52 -2.05
CA ILE B 46 -13.48 -13.32 -0.81
C ILE B 46 -13.89 -11.86 -0.67
N GLY B 47 -12.96 -10.94 -0.95
CA GLY B 47 -13.29 -9.53 -0.92
C GLY B 47 -14.29 -9.14 -1.99
N PHE B 48 -14.09 -9.62 -3.21
CA PHE B 48 -14.97 -9.26 -4.31
C PHE B 48 -16.39 -9.78 -4.07
N PHE B 49 -16.51 -11.03 -3.60
CA PHE B 49 -17.84 -11.57 -3.31
C PHE B 49 -18.53 -10.78 -2.22
N VAL B 50 -17.76 -10.37 -1.20
CA VAL B 50 -18.33 -9.54 -0.13
C VAL B 50 -18.78 -8.19 -0.68
N LYS B 51 -18.03 -7.65 -1.65
CA LYS B 51 -18.42 -6.38 -2.25
C LYS B 51 -19.79 -6.48 -2.91
N LEU B 52 -20.08 -7.60 -3.57
CA LEU B 52 -21.40 -7.80 -4.18
C LEU B 52 -22.48 -8.03 -3.13
N ILE B 53 -22.11 -8.35 -1.89
CA ILE B 53 -23.11 -8.72 -0.88
C ILE B 53 -23.97 -7.52 -0.51
N HIS B 54 -23.33 -6.39 -0.20
CA HIS B 54 -24.08 -5.22 0.29
C HIS B 54 -24.68 -4.36 -0.81
N ILE B 55 -24.36 -4.63 -2.09
CA ILE B 55 -24.93 -3.82 -3.17
C ILE B 55 -26.46 -3.77 -3.12
N PRO B 56 -27.18 -4.88 -2.96
CA PRO B 56 -28.63 -4.77 -2.76
C PRO B 56 -29.04 -4.54 -1.32
N ILE B 57 -28.16 -4.75 -0.35
CA ILE B 57 -28.53 -4.62 1.05
C ILE B 57 -28.81 -3.16 1.40
N ASN B 58 -27.91 -2.26 1.00
CA ASN B 58 -28.12 -0.85 1.29
C ASN B 58 -29.11 -0.19 0.33
N ASN B 59 -29.52 -0.90 -0.72
CA ASN B 59 -30.48 -0.38 -1.67
C ASN B 59 -31.88 -0.35 -1.07
N VAL C 1 -12.08 -12.77 20.81
CA VAL C 1 -13.46 -13.25 20.81
C VAL C 1 -14.46 -12.19 21.28
N PRO C 2 -14.20 -11.50 22.40
CA PRO C 2 -15.11 -10.42 22.79
C PRO C 2 -15.18 -9.29 21.77
N VAL C 3 -14.12 -9.10 20.98
CA VAL C 3 -14.14 -8.07 19.94
C VAL C 3 -15.18 -8.39 18.88
N LEU C 4 -15.35 -9.68 18.58
CA LEU C 4 -16.36 -10.10 17.60
C LEU C 4 -17.75 -9.67 18.05
N VAL C 5 -18.03 -9.77 19.35
CA VAL C 5 -19.30 -9.29 19.88
C VAL C 5 -19.41 -7.78 19.67
N MET C 6 -18.35 -7.04 19.96
CA MET C 6 -18.35 -5.60 19.74
C MET C 6 -18.47 -5.26 18.27
N SER C 7 -17.75 -6.00 17.42
CA SER C 7 -17.83 -5.74 15.97
C SER C 7 -19.21 -6.06 15.43
N LEU C 8 -19.81 -7.18 15.88
CA LEU C 8 -21.16 -7.52 15.43
C LEU C 8 -22.17 -6.49 15.89
N LEU C 9 -22.02 -6.00 17.12
CA LEU C 9 -22.95 -4.99 17.64
C LEU C 9 -22.85 -3.69 16.86
N PHE C 10 -21.64 -3.28 16.49
CA PHE C 10 -21.45 -1.99 15.82
C PHE C 10 -22.13 -1.96 14.46
N ILE C 11 -21.91 -3.01 13.64
CA ILE C 11 -22.53 -3.03 12.31
C ILE C 11 -24.04 -3.14 12.42
N ALA C 12 -24.54 -3.86 13.42
CA ALA C 12 -25.98 -3.89 13.65
C ALA C 12 -26.49 -2.53 14.11
N SER C 13 -25.68 -1.80 14.88
CA SER C 13 -26.10 -0.50 15.40
C SER C 13 -26.25 0.51 14.27
N VAL C 14 -25.26 0.59 13.38
CA VAL C 14 -25.32 1.56 12.29
C VAL C 14 -26.44 1.20 11.32
N PHE C 15 -26.65 -0.10 11.08
CA PHE C 15 -27.76 -0.51 10.22
C PHE C 15 -29.10 -0.07 10.79
N MET C 16 -29.28 -0.23 12.10
CA MET C 16 -30.45 0.35 12.75
C MET C 16 -30.42 1.86 12.70
N LEU C 17 -29.23 2.45 12.90
CA LEU C 17 -29.10 3.91 12.82
C LEU C 17 -29.39 4.40 11.41
N HIS C 18 -28.91 3.69 10.40
CA HIS C 18 -29.18 4.08 9.02
C HIS C 18 -30.67 3.94 8.69
N ILE C 19 -31.30 2.87 9.16
CA ILE C 19 -32.72 2.65 8.88
C ILE C 19 -33.63 3.55 9.70
N TRP C 20 -33.11 4.19 10.74
CA TRP C 20 -33.90 5.07 11.59
C TRP C 20 -33.80 6.52 11.10
#